data_9FEM
#
_entry.id   9FEM
#
_cell.length_a   59.501
_cell.length_b   59.501
_cell.length_c   132.679
_cell.angle_alpha   90.00
_cell.angle_beta   90.00
_cell.angle_gamma   90.00
#
_symmetry.space_group_name_H-M   'P 41 21 2'
#
loop_
_entity.id
_entity.type
_entity.pdbx_description
1 polymer mNeonGreen
2 non-polymer 'SULFATE ION'
3 water water
#
_entity_poly.entity_id   1
_entity_poly.type   'polypeptide(L)'
_entity_poly.pdbx_seq_one_letter_code
;MVSKGEEDNMASLPATHELHIFGSINGVDFDMVGQGTGNPNDGYEELNLKSTKGDLQFSPWILVPHI(CR2)FHQYLPYP
DGMSPFQAAMVDGSGYQVHRTMQFEDGASLTVNYRYTYEGSHIKGEAQVKGTGFPADGPVMTNSLTAADWCRSKKTYPND
KTIISTFKWSYTTGNGKRYRSTARTTYTFAKPMAANYLKNQPMYVFRKTELKHSKTELNFKEWQKAFTDVMGMDELYKHH
HHHH
;
_entity_poly.pdbx_strand_id   A
#
loop_
_chem_comp.id
_chem_comp.type
_chem_comp.name
_chem_comp.formula
SO4 non-polymer 'SULFATE ION' 'O4 S -2'
#
# COMPACT_ATOMS: atom_id res chain seq x y z
N SER A 12 -18.49 8.08 -7.10
CA SER A 12 -17.63 8.68 -8.16
C SER A 12 -16.19 8.61 -7.72
N LEU A 13 -15.31 9.24 -8.48
CA LEU A 13 -13.85 8.93 -8.42
C LEU A 13 -13.29 9.65 -7.23
N PRO A 14 -12.33 9.10 -6.48
CA PRO A 14 -11.96 9.74 -5.23
C PRO A 14 -11.06 10.96 -5.43
N ALA A 15 -10.96 11.75 -4.35
CA ALA A 15 -10.31 13.07 -4.32
C ALA A 15 -9.66 13.20 -2.96
N THR A 16 -10.34 12.75 -1.89
CA THR A 16 -9.84 12.82 -0.50
C THR A 16 -9.97 11.44 0.12
N HIS A 17 -9.29 11.25 1.24
CA HIS A 17 -9.17 9.95 1.94
C HIS A 17 -8.58 10.16 3.35
N GLU A 18 -8.95 9.23 4.23
CA GLU A 18 -8.41 9.02 5.59
C GLU A 18 -8.02 7.55 5.80
N LEU A 19 -7.04 7.36 6.69
CA LEU A 19 -6.50 6.03 7.05
C LEU A 19 -6.32 5.96 8.55
N HIS A 20 -6.86 4.87 9.13
CA HIS A 20 -6.57 4.38 10.49
C HIS A 20 -5.72 3.13 10.27
N ILE A 21 -4.43 3.20 10.64
CA ILE A 21 -3.47 2.07 10.47
C ILE A 21 -2.94 1.70 11.86
N PHE A 22 -2.95 0.43 12.28
CA PHE A 22 -2.64 0.07 13.68
C PHE A 22 -2.25 -1.39 13.72
N GLY A 23 -1.80 -1.90 14.87
CA GLY A 23 -1.45 -3.33 15.07
C GLY A 23 -0.19 -3.45 15.88
N SER A 24 0.70 -4.36 15.52
CA SER A 24 1.90 -4.58 16.35
C SER A 24 3.07 -4.72 15.41
N ILE A 25 4.19 -4.19 15.82
CA ILE A 25 5.51 -4.54 15.25
C ILE A 25 6.28 -5.23 16.38
N ASN A 26 6.65 -6.51 16.22
CA ASN A 26 7.45 -7.23 17.26
C ASN A 26 6.71 -7.17 18.61
N GLY A 27 5.39 -7.34 18.58
CA GLY A 27 4.49 -7.55 19.73
C GLY A 27 4.20 -6.28 20.49
N VAL A 28 4.48 -5.10 19.92
CA VAL A 28 4.32 -3.75 20.53
C VAL A 28 3.28 -3.04 19.67
N ASP A 29 2.19 -2.57 20.27
CA ASP A 29 1.04 -1.98 19.55
C ASP A 29 1.47 -0.63 18.98
N PHE A 30 0.71 -0.06 18.04
CA PHE A 30 0.96 1.29 17.47
C PHE A 30 -0.39 1.65 16.86
N ASP A 31 -0.71 2.92 16.74
CA ASP A 31 -1.98 3.30 16.09
C ASP A 31 -1.69 4.66 15.51
N MET A 32 -2.10 4.91 14.27
CA MET A 32 -1.97 6.21 13.56
C MET A 32 -3.29 6.53 12.81
N VAL A 33 -3.65 7.83 12.71
CA VAL A 33 -4.78 8.39 11.88
C VAL A 33 -4.27 9.55 11.03
N GLY A 34 -4.89 9.79 9.87
CA GLY A 34 -4.75 11.11 9.23
C GLY A 34 -5.48 11.25 7.91
N GLN A 35 -5.27 12.37 7.24
CA GLN A 35 -5.98 12.69 5.99
C GLN A 35 -4.98 12.78 4.82
N GLY A 36 -5.53 12.71 3.61
CA GLY A 36 -4.82 12.90 2.35
C GLY A 36 -5.76 13.11 1.21
N THR A 37 -5.13 13.21 0.05
CA THR A 37 -5.82 13.59 -1.19
C THR A 37 -5.06 12.87 -2.28
N GLY A 38 -5.62 12.87 -3.48
CA GLY A 38 -4.90 12.33 -4.64
C GLY A 38 -5.68 12.62 -5.87
N ASN A 39 -5.19 12.08 -6.96
CA ASN A 39 -5.64 12.40 -8.32
C ASN A 39 -5.83 11.09 -9.06
N PRO A 40 -7.11 10.66 -9.20
CA PRO A 40 -7.46 9.34 -9.72
C PRO A 40 -7.18 9.32 -11.22
N ASN A 41 -6.82 10.47 -11.79
CA ASN A 41 -6.49 10.63 -13.23
C ASN A 41 -5.01 10.35 -13.51
N ASP A 42 -4.09 10.51 -12.54
CA ASP A 42 -2.65 10.26 -12.83
C ASP A 42 -1.98 9.44 -11.71
N GLY A 43 -2.71 9.10 -10.64
CA GLY A 43 -2.33 8.03 -9.69
C GLY A 43 -1.62 8.56 -8.45
N TYR A 44 -1.44 9.87 -8.42
CA TYR A 44 -0.85 10.56 -7.26
C TYR A 44 -1.77 10.55 -6.02
N GLU A 45 -1.10 10.32 -4.87
CA GLU A 45 -1.59 10.25 -3.47
C GLU A 45 -0.59 10.96 -2.57
N GLU A 46 -1.14 11.81 -1.71
CA GLU A 46 -0.51 12.40 -0.54
C GLU A 46 -1.31 11.95 0.67
N LEU A 47 -0.58 11.60 1.72
CA LEU A 47 -1.15 11.25 3.04
C LEU A 47 -0.31 11.88 4.15
N ASN A 48 -1.00 12.48 5.11
CA ASN A 48 -0.41 12.82 6.44
C ASN A 48 -1.01 11.92 7.55
N LEU A 49 -0.16 11.37 8.44
CA LEU A 49 -0.56 10.50 9.57
C LEU A 49 0.16 10.88 10.85
N LYS A 50 -0.56 10.73 11.97
CA LYS A 50 -0.05 11.02 13.36
C LYS A 50 -0.32 9.84 14.32
N SER A 51 0.71 9.40 15.08
CA SER A 51 0.58 8.44 16.22
C SER A 51 -0.53 8.90 17.19
N THR A 52 -1.43 8.03 17.65
CA THR A 52 -2.44 8.36 18.70
C THR A 52 -2.02 7.69 20.01
N LYS A 53 -0.90 6.96 20.01
CA LYS A 53 -0.21 6.51 21.24
C LYS A 53 1.27 6.87 21.20
N GLY A 54 1.64 8.13 20.94
CA GLY A 54 3.01 8.63 21.15
C GLY A 54 4.03 7.99 20.22
N ASP A 55 5.29 7.87 20.66
CA ASP A 55 6.44 7.61 19.78
C ASP A 55 6.37 6.20 19.19
N LEU A 56 6.80 6.07 17.93
CA LEU A 56 6.99 4.78 17.23
C LEU A 56 8.42 4.30 17.54
N GLN A 57 8.52 2.97 17.69
CA GLN A 57 9.63 2.11 18.20
C GLN A 57 10.22 1.29 17.05
N PHE A 58 9.99 1.74 15.82
CA PHE A 58 10.35 1.07 14.55
C PHE A 58 10.42 2.16 13.47
N SER A 59 11.26 1.97 12.44
CA SER A 59 11.32 2.83 11.23
C SER A 59 9.90 3.14 10.73
N PRO A 60 9.44 4.41 10.68
CA PRO A 60 8.16 4.66 10.01
C PRO A 60 8.15 4.10 8.56
N TRP A 61 9.31 3.91 7.91
CA TRP A 61 9.41 3.42 6.51
C TRP A 61 8.79 2.05 6.44
N ILE A 62 8.69 1.37 7.59
CA ILE A 62 8.16 -0.01 7.60
C ILE A 62 6.68 -0.01 7.16
N LEU A 63 5.99 1.13 7.30
CA LEU A 63 4.55 1.33 6.96
C LEU A 63 4.39 1.65 5.47
N VAL A 64 5.52 1.86 4.81
CA VAL A 64 5.56 2.01 3.33
C VAL A 64 5.94 0.68 2.76
N PRO A 65 5.25 0.24 1.69
CA PRO A 65 4.22 1.05 1.01
C PRO A 65 2.76 0.94 1.50
N HIS A 66 2.57 0.28 2.63
CA HIS A 66 1.21 -0.14 3.08
C HIS A 66 0.29 1.08 3.20
N ILE A 67 0.81 2.25 3.54
CA ILE A 67 -0.01 3.50 3.62
C ILE A 67 -0.38 4.06 2.25
N1 CR2 A 68 -0.24 3.48 1.10
CA1 CR2 A 68 -0.81 3.89 -0.15
C1 CR2 A 68 -0.75 2.55 -0.75
N2 CR2 A 68 0.25 2.15 -1.56
N3 CR2 A 68 -1.67 1.59 -0.46
C2 CR2 A 68 -1.27 0.57 -1.16
O2 CR2 A 68 -1.78 -0.59 -1.20
CA2 CR2 A 68 -0.04 0.87 -1.83
CA3 CR2 A 68 -2.87 1.68 0.37
C3 CR2 A 68 -4.15 1.78 -0.42
O3 CR2 A 68 -5.13 1.55 0.33
CB2 CR2 A 68 0.63 -0.09 -2.67
CG2 CR2 A 68 1.92 -0.02 -3.36
CD1 CR2 A 68 2.67 1.14 -3.44
CD2 CR2 A 68 2.51 -1.22 -3.80
CE1 CR2 A 68 3.93 1.17 -4.02
CE2 CR2 A 68 3.81 -1.21 -4.44
CZ CR2 A 68 4.53 0.00 -4.52
OH CR2 A 68 5.74 0.10 -5.09
N PHE A 69 -4.18 2.71 -1.35
CA PHE A 69 -5.44 3.31 -1.92
C PHE A 69 -5.35 3.30 -3.45
N HIS A 70 -5.50 2.10 -4.00
CA HIS A 70 -5.47 1.81 -5.45
C HIS A 70 -6.73 2.37 -6.08
N GLN A 71 -7.72 2.82 -5.29
CA GLN A 71 -8.86 3.56 -5.92
C GLN A 71 -8.31 4.85 -6.62
N TYR A 72 -7.08 5.30 -6.34
CA TYR A 72 -6.50 6.49 -6.98
C TYR A 72 -5.73 6.13 -8.25
N LEU A 73 -5.63 4.83 -8.60
CA LEU A 73 -4.86 4.29 -9.75
C LEU A 73 -5.75 4.14 -11.00
N PRO A 74 -5.55 4.94 -12.08
CA PRO A 74 -6.26 4.69 -13.34
C PRO A 74 -5.53 3.61 -14.18
N TYR A 75 -6.21 3.06 -15.20
CA TYR A 75 -5.66 2.08 -16.17
C TYR A 75 -5.42 2.74 -17.51
N PRO A 76 -4.62 2.16 -18.41
CA PRO A 76 -4.43 2.79 -19.71
C PRO A 76 -5.73 3.28 -20.41
N ASP A 77 -6.85 2.55 -20.33
CA ASP A 77 -8.05 2.78 -21.18
C ASP A 77 -9.30 3.03 -20.36
N GLY A 78 -9.12 3.35 -19.09
CA GLY A 78 -10.14 3.88 -18.19
C GLY A 78 -9.88 3.43 -16.79
N MET A 79 -10.95 3.29 -16.03
CA MET A 79 -10.92 2.95 -14.60
C MET A 79 -10.18 1.66 -14.43
N SER A 80 -9.47 1.62 -13.33
CA SER A 80 -8.89 0.37 -12.84
C SER A 80 -10.05 -0.34 -12.17
N PRO A 81 -9.88 -1.65 -11.96
CA PRO A 81 -10.95 -2.45 -11.39
C PRO A 81 -11.29 -1.88 -10.01
N PHE A 82 -10.27 -1.39 -9.30
CA PHE A 82 -10.37 -0.78 -7.95
C PHE A 82 -11.25 0.48 -7.99
N GLN A 83 -11.10 1.29 -9.04
CA GLN A 83 -11.88 2.55 -9.17
C GLN A 83 -13.34 2.19 -9.44
N ALA A 84 -13.52 1.24 -10.35
CA ALA A 84 -14.81 0.67 -10.81
C ALA A 84 -15.58 0.13 -9.61
N ALA A 85 -14.91 -0.60 -8.70
CA ALA A 85 -15.53 -1.29 -7.55
C ALA A 85 -15.90 -0.27 -6.46
N MET A 86 -15.20 0.86 -6.39
CA MET A 86 -15.63 2.05 -5.62
C MET A 86 -16.80 2.78 -6.30
N VAL A 87 -16.74 3.05 -7.61
CA VAL A 87 -17.78 3.88 -8.31
C VAL A 87 -19.15 3.19 -8.20
N ASP A 88 -19.22 1.87 -8.39
CA ASP A 88 -20.53 1.16 -8.38
C ASP A 88 -20.90 0.78 -6.92
N GLY A 89 -19.98 0.94 -5.97
CA GLY A 89 -20.23 0.74 -4.51
C GLY A 89 -20.09 -0.72 -4.09
N SER A 90 -19.89 -1.65 -5.01
CA SER A 90 -19.63 -3.08 -4.70
C SER A 90 -18.35 -3.25 -3.84
N GLY A 91 -17.21 -2.69 -4.26
CA GLY A 91 -15.94 -2.66 -3.49
C GLY A 91 -15.14 -3.97 -3.44
N TYR A 92 -14.12 -3.94 -2.59
CA TYR A 92 -13.12 -4.98 -2.50
C TYR A 92 -12.40 -4.73 -1.19
N GLN A 93 -11.85 -5.85 -0.69
CA GLN A 93 -11.02 -6.08 0.48
C GLN A 93 -9.61 -6.37 -0.01
N VAL A 94 -8.64 -6.18 0.85
CA VAL A 94 -7.22 -6.45 0.52
C VAL A 94 -6.56 -7.20 1.70
N HIS A 95 -5.76 -8.21 1.35
CA HIS A 95 -4.69 -8.83 2.16
C HIS A 95 -3.34 -8.74 1.45
N ARG A 96 -2.31 -8.41 2.21
CA ARG A 96 -0.92 -8.41 1.71
C ARG A 96 0.01 -9.15 2.70
N THR A 97 0.90 -9.96 2.16
CA THR A 97 1.98 -10.68 2.90
C THR A 97 3.29 -10.23 2.29
N MET A 98 4.28 -10.06 3.11
CA MET A 98 5.57 -9.56 2.67
C MET A 98 6.59 -10.30 3.51
N GLN A 99 7.59 -10.89 2.86
CA GLN A 99 8.71 -11.61 3.53
C GLN A 99 10.01 -10.81 3.37
N PHE A 100 10.76 -10.62 4.46
CA PHE A 100 12.02 -9.84 4.48
C PHE A 100 13.17 -10.81 4.35
N GLU A 101 14.30 -10.32 3.83
CA GLU A 101 15.50 -11.16 3.60
C GLU A 101 16.11 -11.55 4.94
N ASP A 102 15.84 -10.82 6.03
CA ASP A 102 16.34 -11.13 7.39
C ASP A 102 15.29 -11.97 8.17
N GLY A 103 14.36 -12.67 7.47
CA GLY A 103 13.36 -13.58 8.05
C GLY A 103 12.14 -12.88 8.64
N ALA A 104 12.13 -11.55 8.80
CA ALA A 104 10.92 -10.85 9.30
C ALA A 104 9.74 -11.18 8.39
N SER A 105 8.50 -11.06 8.84
CA SER A 105 7.35 -11.11 7.90
C SER A 105 6.34 -10.08 8.35
N LEU A 106 5.45 -9.65 7.46
CA LEU A 106 4.43 -8.62 7.81
C LEU A 106 3.14 -8.94 7.08
N THR A 107 1.97 -8.86 7.72
CA THR A 107 0.65 -8.86 7.00
C THR A 107 -0.07 -7.53 7.14
N VAL A 108 -1.04 -7.25 6.28
CA VAL A 108 -1.92 -6.06 6.35
C VAL A 108 -3.27 -6.49 5.78
N ASN A 109 -4.33 -6.18 6.52
CA ASN A 109 -5.75 -6.32 6.05
C ASN A 109 -6.34 -4.92 5.99
N TYR A 110 -6.98 -4.59 4.87
CA TYR A 110 -7.62 -3.29 4.58
C TYR A 110 -9.14 -3.52 4.48
N ARG A 111 -9.93 -2.56 4.99
CA ARG A 111 -11.37 -2.40 4.67
C ARG A 111 -11.60 -0.93 4.35
N TYR A 112 -12.51 -0.65 3.45
CA TYR A 112 -12.80 0.74 3.04
C TYR A 112 -14.31 0.90 3.11
N THR A 113 -14.70 2.15 3.34
CA THR A 113 -16.07 2.70 3.12
C THR A 113 -15.92 3.98 2.28
N TYR A 114 -16.98 4.32 1.59
CA TYR A 114 -16.97 5.32 0.52
C TYR A 114 -18.14 6.29 0.77
N GLU A 115 -17.84 7.59 0.77
CA GLU A 115 -18.85 8.67 0.83
C GLU A 115 -18.54 9.67 -0.28
N GLY A 116 -19.33 9.65 -1.34
CA GLY A 116 -19.00 10.38 -2.57
C GLY A 116 -17.55 10.16 -2.96
N SER A 117 -16.66 11.13 -2.77
CA SER A 117 -15.28 11.14 -3.32
C SER A 117 -14.31 10.90 -2.18
N HIS A 118 -14.89 10.66 -1.02
CA HIS A 118 -14.12 10.40 0.19
C HIS A 118 -14.12 8.90 0.47
N ILE A 119 -12.93 8.39 0.82
CA ILE A 119 -12.58 7.00 1.22
C ILE A 119 -12.14 7.02 2.68
N LYS A 120 -12.61 6.05 3.44
CA LYS A 120 -12.11 5.72 4.81
C LYS A 120 -11.42 4.37 4.80
N GLY A 121 -10.10 4.32 4.96
CA GLY A 121 -9.33 3.08 5.12
C GLY A 121 -9.08 2.70 6.57
N GLU A 122 -9.25 1.41 6.89
CA GLU A 122 -8.77 0.69 8.08
C GLU A 122 -7.76 -0.36 7.58
N ALA A 123 -6.52 -0.23 8.03
CA ALA A 123 -5.40 -1.12 7.74
C ALA A 123 -4.87 -1.64 9.08
N GLN A 124 -4.94 -2.95 9.29
CA GLN A 124 -4.42 -3.68 10.48
C GLN A 124 -3.19 -4.49 10.07
N VAL A 125 -2.10 -4.23 10.76
CA VAL A 125 -0.76 -4.74 10.38
C VAL A 125 -0.32 -5.69 11.47
N LYS A 126 0.26 -6.82 11.14
CA LYS A 126 1.04 -7.54 12.16
C LYS A 126 2.47 -7.78 11.64
N GLY A 127 3.47 -7.14 12.22
CA GLY A 127 4.88 -7.35 11.82
C GLY A 127 5.66 -8.02 12.92
N THR A 128 6.28 -9.16 12.63
CA THR A 128 7.16 -9.91 13.59
C THR A 128 8.46 -10.42 12.95
N GLY A 129 9.50 -10.62 13.75
CA GLY A 129 10.67 -11.37 13.30
C GLY A 129 11.79 -10.42 12.96
N PHE A 130 11.67 -9.15 13.36
CA PHE A 130 12.63 -8.10 12.92
C PHE A 130 13.79 -8.13 13.90
N PRO A 131 15.02 -8.43 13.44
CA PRO A 131 16.16 -8.44 14.36
C PRO A 131 16.15 -7.11 15.16
N ALA A 132 16.50 -7.12 16.46
CA ALA A 132 16.64 -5.90 17.31
C ALA A 132 17.82 -5.04 16.89
N ASP A 133 18.85 -5.62 16.25
CA ASP A 133 20.05 -4.91 15.71
C ASP A 133 19.81 -4.51 14.25
N GLY A 134 18.61 -4.83 13.74
CA GLY A 134 18.12 -4.67 12.35
C GLY A 134 17.67 -3.25 11.99
N PRO A 135 17.55 -2.93 10.69
CA PRO A 135 17.45 -1.53 10.28
C PRO A 135 16.04 -1.01 10.60
N VAL A 136 15.09 -1.94 10.75
CA VAL A 136 13.72 -1.51 11.12
C VAL A 136 13.78 -0.97 12.54
N MET A 137 14.21 -1.81 13.49
CA MET A 137 14.13 -1.47 14.94
C MET A 137 15.25 -0.46 15.32
N THR A 138 16.34 -0.37 14.54
CA THR A 138 17.41 0.67 14.72
C THR A 138 16.96 1.99 14.03
N ASN A 139 15.91 1.94 13.20
CA ASN A 139 15.40 3.12 12.47
C ASN A 139 16.41 3.60 11.43
N SER A 140 17.03 2.71 10.60
CA SER A 140 18.18 2.97 9.68
C SER A 140 17.73 2.93 8.21
N LEU A 141 16.44 3.13 7.95
CA LEU A 141 15.81 3.12 6.60
C LEU A 141 15.61 4.58 6.12
N THR A 142 15.98 4.89 4.88
CA THR A 142 16.12 6.28 4.40
C THR A 142 15.27 6.49 3.16
N ALA A 143 15.07 5.42 2.38
CA ALA A 143 14.40 5.51 1.07
C ALA A 143 13.90 4.16 0.59
N ALA A 144 13.15 4.23 -0.51
CA ALA A 144 12.43 3.12 -1.10
C ALA A 144 12.75 3.16 -2.58
N ASP A 145 13.29 2.06 -3.15
CA ASP A 145 13.54 1.99 -4.59
C ASP A 145 12.19 2.13 -5.28
N TRP A 146 12.24 2.67 -6.48
CA TRP A 146 11.21 2.38 -7.51
C TRP A 146 10.83 0.90 -7.42
N CYS A 147 9.57 0.60 -7.73
CA CYS A 147 9.03 -0.77 -7.65
C CYS A 147 8.01 -1.08 -8.76
N ARG A 148 8.21 -2.19 -9.43
CA ARG A 148 7.31 -2.73 -10.48
C ARG A 148 6.43 -3.80 -9.87
N SER A 149 5.11 -3.63 -9.94
CA SER A 149 4.11 -4.66 -9.51
C SER A 149 3.61 -5.46 -10.73
N LYS A 150 3.30 -6.75 -10.59
CA LYS A 150 2.68 -7.51 -11.71
C LYS A 150 1.27 -7.89 -11.24
N LYS A 151 0.21 -7.48 -11.90
CA LYS A 151 -1.17 -7.83 -11.45
C LYS A 151 -1.76 -8.94 -12.33
N THR A 152 -2.30 -10.02 -11.73
CA THR A 152 -2.99 -11.10 -12.49
C THR A 152 -4.34 -11.37 -11.84
N TYR A 153 -5.21 -12.03 -12.59
CA TYR A 153 -6.68 -12.12 -12.38
C TYR A 153 -7.03 -13.60 -12.52
N PRO A 154 -6.78 -14.44 -11.51
CA PRO A 154 -7.00 -15.88 -11.68
C PRO A 154 -8.49 -16.24 -11.81
N ASN A 155 -9.40 -15.44 -11.24
CA ASN A 155 -10.86 -15.46 -11.58
C ASN A 155 -11.35 -14.04 -11.53
N ASP A 156 -12.65 -13.87 -11.63
CA ASP A 156 -13.26 -12.55 -11.89
C ASP A 156 -13.50 -11.78 -10.60
N LYS A 157 -13.25 -12.38 -9.45
CA LYS A 157 -13.44 -11.63 -8.19
C LYS A 157 -12.09 -11.44 -7.50
N THR A 158 -10.99 -11.85 -8.13
CA THR A 158 -9.68 -11.77 -7.45
C THR A 158 -8.68 -11.12 -8.35
N ILE A 159 -7.75 -10.41 -7.73
CA ILE A 159 -6.49 -9.99 -8.37
C ILE A 159 -5.38 -10.41 -7.43
N ILE A 160 -4.31 -10.90 -8.00
CA ILE A 160 -2.99 -11.02 -7.32
C ILE A 160 -1.98 -10.02 -7.88
N SER A 161 -1.34 -9.30 -7.00
CA SER A 161 -0.18 -8.42 -7.24
C SER A 161 1.03 -8.92 -6.47
N THR A 162 2.15 -9.08 -7.17
CA THR A 162 3.45 -9.49 -6.57
C THR A 162 4.52 -8.48 -6.91
N PHE A 163 5.46 -8.29 -6.02
CA PHE A 163 6.62 -7.44 -6.38
C PHE A 163 7.78 -7.71 -5.45
N LYS A 164 8.93 -7.32 -5.94
CA LYS A 164 10.19 -7.29 -5.16
C LYS A 164 10.22 -5.90 -4.54
N TRP A 165 10.60 -5.78 -3.28
CA TRP A 165 10.72 -4.44 -2.65
C TRP A 165 12.14 -4.17 -2.16
N SER A 166 12.58 -2.92 -2.10
CA SER A 166 13.90 -2.59 -1.53
C SER A 166 13.92 -1.23 -0.82
N TYR A 167 14.36 -1.19 0.43
CA TYR A 167 14.71 0.07 1.15
C TYR A 167 16.21 0.30 1.04
N THR A 168 16.60 1.56 1.13
CA THR A 168 18.02 1.93 1.31
C THR A 168 18.19 2.10 2.81
N THR A 169 19.31 1.68 3.38
CA THR A 169 19.61 1.95 4.81
C THR A 169 20.31 3.28 5.04
N GLY A 170 20.79 3.45 6.28
CA GLY A 170 21.90 4.37 6.61
C GLY A 170 22.95 4.40 5.50
N ASN A 171 23.70 3.32 5.22
CA ASN A 171 25.06 3.47 4.61
C ASN A 171 25.08 3.34 3.10
N GLY A 172 23.92 3.32 2.43
CA GLY A 172 23.85 3.04 0.99
C GLY A 172 23.68 1.56 0.72
N LYS A 173 23.53 0.73 1.78
CA LYS A 173 23.17 -0.71 1.74
C LYS A 173 21.65 -0.87 1.49
N ARG A 174 21.18 -2.07 1.19
CA ARG A 174 19.78 -2.36 0.74
C ARG A 174 19.13 -3.43 1.65
N TYR A 175 17.89 -3.22 2.12
CA TYR A 175 17.11 -4.23 2.91
C TYR A 175 15.86 -4.67 2.12
N ARG A 176 15.83 -5.91 1.64
CA ARG A 176 14.85 -6.38 0.62
C ARG A 176 13.70 -7.14 1.27
N SER A 177 12.63 -7.28 0.49
CA SER A 177 11.43 -8.08 0.79
C SER A 177 10.75 -8.49 -0.53
N THR A 178 9.75 -9.35 -0.42
CA THR A 178 8.86 -9.80 -1.52
C THR A 178 7.45 -9.79 -0.93
N ALA A 179 6.45 -9.77 -1.76
CA ALA A 179 5.13 -9.27 -1.34
C ALA A 179 4.19 -9.96 -2.28
N ARG A 180 3.07 -10.33 -1.75
CA ARG A 180 1.98 -10.87 -2.57
C ARG A 180 0.75 -10.21 -1.98
N THR A 181 -0.08 -9.70 -2.84
CA THR A 181 -1.22 -8.93 -2.35
C THR A 181 -2.40 -9.55 -3.04
N THR A 182 -3.51 -9.66 -2.34
CA THR A 182 -4.72 -10.34 -2.83
C THR A 182 -5.91 -9.41 -2.67
N TYR A 183 -6.51 -9.05 -3.77
CA TYR A 183 -7.72 -8.20 -3.81
C TYR A 183 -8.93 -9.07 -4.06
N THR A 184 -9.96 -8.85 -3.26
CA THR A 184 -11.19 -9.70 -3.25
C THR A 184 -12.36 -8.76 -3.43
N PHE A 185 -12.95 -8.81 -4.61
CA PHE A 185 -14.07 -7.96 -5.10
C PHE A 185 -15.41 -8.66 -4.86
N ALA A 186 -16.37 -7.88 -4.40
CA ALA A 186 -17.74 -8.34 -4.09
C ALA A 186 -18.45 -8.63 -5.43
N LYS A 187 -18.21 -7.84 -6.47
CA LYS A 187 -18.80 -8.08 -7.82
C LYS A 187 -17.73 -8.56 -8.79
N PRO A 188 -18.14 -9.39 -9.79
CA PRO A 188 -17.24 -9.87 -10.85
C PRO A 188 -16.69 -8.63 -11.57
N MET A 189 -15.39 -8.62 -11.88
CA MET A 189 -14.72 -7.54 -12.67
C MET A 189 -15.31 -7.52 -14.07
N ALA A 190 -15.10 -6.46 -14.84
CA ALA A 190 -15.49 -6.36 -16.28
C ALA A 190 -14.52 -7.18 -17.16
N ALA A 191 -15.05 -7.84 -18.18
CA ALA A 191 -14.33 -8.83 -19.02
C ALA A 191 -13.02 -8.21 -19.55
N ASN A 192 -13.06 -6.91 -19.79
CA ASN A 192 -11.94 -6.10 -20.28
C ASN A 192 -10.66 -6.52 -19.59
N TYR A 193 -10.67 -6.41 -18.27
CA TYR A 193 -9.47 -6.59 -17.43
C TYR A 193 -8.94 -8.02 -17.65
N LEU A 194 -9.85 -8.99 -17.64
CA LEU A 194 -9.49 -10.42 -17.80
C LEU A 194 -8.61 -10.54 -19.06
N LYS A 195 -8.87 -9.73 -20.10
CA LYS A 195 -8.22 -9.88 -21.42
C LYS A 195 -6.82 -9.28 -21.43
N ASN A 196 -6.55 -8.16 -20.78
CA ASN A 196 -5.16 -7.63 -20.70
C ASN A 196 -4.58 -8.04 -19.34
N GLN A 197 -4.11 -9.26 -19.27
CA GLN A 197 -3.22 -9.72 -18.18
C GLN A 197 -1.83 -9.89 -18.78
N PRO A 198 -0.73 -9.82 -18.00
CA PRO A 198 -0.73 -9.14 -16.71
C PRO A 198 -0.84 -7.61 -16.94
N MET A 199 -1.16 -6.87 -15.87
CA MET A 199 -1.02 -5.40 -15.78
C MET A 199 0.19 -5.13 -14.88
N TYR A 200 1.17 -4.37 -15.36
CA TYR A 200 2.32 -3.90 -14.56
C TYR A 200 1.98 -2.53 -14.00
N VAL A 201 2.50 -2.17 -12.83
CA VAL A 201 2.48 -0.76 -12.32
C VAL A 201 3.85 -0.41 -11.74
N PHE A 202 4.36 0.72 -12.16
CA PHE A 202 5.60 1.30 -11.61
C PHE A 202 5.21 2.32 -10.54
N ARG A 203 5.82 2.35 -9.37
CA ARG A 203 5.44 3.32 -8.31
C ARG A 203 6.71 3.84 -7.60
N LYS A 204 6.70 5.12 -7.22
CA LYS A 204 7.72 5.68 -6.31
C LYS A 204 7.00 6.16 -5.06
N THR A 205 7.63 5.97 -3.91
CA THR A 205 7.13 6.46 -2.61
C THR A 205 8.10 7.49 -2.01
N GLU A 206 7.55 8.53 -1.42
CA GLU A 206 8.43 9.39 -0.60
C GLU A 206 7.87 9.46 0.81
N LEU A 207 8.77 9.61 1.77
CA LEU A 207 8.39 9.71 3.20
C LEU A 207 9.25 10.69 4.00
N LYS A 208 8.61 11.61 4.70
CA LYS A 208 9.27 12.44 5.75
C LYS A 208 8.62 12.07 7.08
N HIS A 209 9.41 11.89 8.12
CA HIS A 209 8.88 11.27 9.35
C HIS A 209 9.63 11.82 10.53
N SER A 210 8.87 12.23 11.54
CA SER A 210 9.31 12.43 12.94
C SER A 210 9.12 11.11 13.69
N LYS A 211 9.08 11.11 15.02
CA LYS A 211 8.77 9.92 15.84
C LYS A 211 7.25 9.66 15.87
N THR A 212 6.43 10.68 15.60
CA THR A 212 4.97 10.67 15.84
C THR A 212 4.15 10.93 14.57
N GLU A 213 4.78 11.42 13.50
CA GLU A 213 4.13 12.12 12.37
C GLU A 213 4.84 11.73 11.07
N LEU A 214 4.12 11.79 9.96
CA LEU A 214 4.78 11.53 8.68
C LEU A 214 3.88 11.96 7.54
N ASN A 215 4.54 12.38 6.45
CA ASN A 215 3.96 12.89 5.16
C ASN A 215 4.45 11.96 4.04
N PHE A 216 3.48 11.35 3.39
CA PHE A 216 3.73 10.18 2.49
C PHE A 216 3.30 10.65 1.12
N LYS A 217 3.99 10.24 0.04
CA LYS A 217 3.52 10.53 -1.33
C LYS A 217 3.83 9.32 -2.17
N GLU A 218 2.99 9.13 -3.18
CA GLU A 218 3.07 8.02 -4.14
C GLU A 218 2.73 8.52 -5.54
N TRP A 219 3.38 7.90 -6.54
CA TRP A 219 3.28 8.14 -7.99
C TRP A 219 3.19 6.75 -8.57
N GLN A 220 2.33 6.52 -9.56
CA GLN A 220 1.88 5.18 -9.98
C GLN A 220 1.50 5.32 -11.44
N LYS A 221 1.90 4.35 -12.27
CA LYS A 221 1.58 4.26 -13.73
C LYS A 221 1.41 2.78 -14.11
N ALA A 222 0.23 2.45 -14.62
CA ALA A 222 -0.19 1.13 -15.12
C ALA A 222 0.13 1.09 -16.63
N PHE A 223 0.80 0.02 -17.05
CA PHE A 223 1.18 -0.34 -18.44
C PHE A 223 1.15 -1.86 -18.60
N THR A 224 0.85 -2.32 -19.81
CA THR A 224 0.96 -3.71 -20.31
C THR A 224 2.31 -3.87 -21.02
N ASP A 225 2.61 -5.09 -21.51
CA ASP A 225 3.77 -5.48 -22.35
C ASP A 225 3.51 -5.11 -23.83
N VAL A 226 2.66 -4.11 -24.15
CA VAL A 226 2.12 -3.81 -25.51
C VAL A 226 3.13 -2.97 -26.32
S SO4 B . 15.65 3.29 -8.02
O1 SO4 B . 14.99 4.03 -6.96
O2 SO4 B . 14.84 2.21 -8.47
O3 SO4 B . 15.93 4.20 -9.14
O4 SO4 B . 16.92 2.74 -7.55
#